data_5QQD
#
_entry.id   5QQD
#
_cell.length_a   62.836
_cell.length_b   62.836
_cell.length_c   342.580
_cell.angle_alpha   90.000
_cell.angle_beta   90.000
_cell.angle_gamma   120.000
#
_symmetry.space_group_name_H-M   'P 65 2 2'
#
loop_
_entity.id
_entity.type
_entity.pdbx_description
1 polymer 'Ras-related C3 botulinum toxin substrate 1'
2 polymer Kalirin
3 non-polymer 1,2-ETHANEDIOL
4 non-polymer "N-ethyl-N'-(5-methyl-1,2-oxazol-3-yl)urea"
5 water water
#
loop_
_entity_poly.entity_id
_entity_poly.type
_entity_poly.pdbx_seq_one_letter_code
_entity_poly.pdbx_strand_id
1 'polypeptide(L)'
;SMQAIKCVVVGDGAVGKTCLLISYTTNAFPGEYIPTVFDNYSANVMVDGKPVNLGLWDTAGQEDYDRLRPLSYPQTDVFL
ICFSLVSPASFENVRAKWYPEVRHHCPNTPIILVGTKLDLRDDKDTIEKLKEKKLTPITYPQGLAMAKEIGAVKYLECSA
LTQRGLKTVFDEAIRAVL
;
A
2 'polypeptide(L)'
;SMRKKEFIMAELLQTEKAYVRDLHECLETYLWEMTSGVEEIPPGILNKEHIIFGNIQEIYDFHNNIFLKELEKYEQLPED
VGHCFVTWADKFQMYVTYCKNKPDSNQLILEHAGTFFDEIQQRHGLANSISSYLIKPVQRVTKYQLLLKELLTCCEEGKG
ELKDGLEVMLSVPKKANDAMHV
;
B
#
loop_
_chem_comp.id
_chem_comp.type
_chem_comp.name
_chem_comp.formula
EDO non-polymer 1,2-ETHANEDIOL 'C2 H6 O2'
JGA non-polymer N-ethyl-N'-(5-methyl-1,2-oxazol-3-yl)urea 'C7 H11 N3 O2'
#
# COMPACT_ATOMS: atom_id res chain seq x y z
N MET A 2 5.33 -11.53 -21.49
CA MET A 2 5.43 -12.35 -20.24
C MET A 2 4.37 -11.89 -19.24
N GLN A 3 3.56 -12.83 -18.72
CA GLN A 3 2.32 -12.54 -17.95
C GLN A 3 2.67 -11.72 -16.70
N ALA A 4 1.96 -10.61 -16.51
CA ALA A 4 2.12 -9.68 -15.38
C ALA A 4 0.92 -9.84 -14.46
N ILE A 5 1.16 -9.93 -13.15
CA ILE A 5 0.11 -10.23 -12.15
C ILE A 5 0.12 -9.13 -11.11
N LYS A 6 -1.00 -8.44 -10.95
CA LYS A 6 -1.17 -7.43 -9.87
C LYS A 6 -1.76 -8.15 -8.66
N CYS A 7 -1.03 -8.21 -7.55
CA CYS A 7 -1.53 -8.82 -6.29
C CYS A 7 -1.58 -7.76 -5.20
N VAL A 8 -2.76 -7.53 -4.66
CA VAL A 8 -3.01 -6.50 -3.64
C VAL A 8 -3.31 -7.22 -2.33
N VAL A 9 -2.62 -6.79 -1.28
CA VAL A 9 -2.69 -7.37 0.08
C VAL A 9 -3.57 -6.46 0.90
N VAL A 10 -4.68 -7.02 1.41
CA VAL A 10 -5.67 -6.27 2.25
C VAL A 10 -5.81 -7.01 3.56
N GLY A 11 -6.32 -6.31 4.55
CA GLY A 11 -6.63 -6.81 5.90
C GLY A 11 -6.30 -5.77 6.96
N ASP A 12 -6.68 -6.06 8.21
CA ASP A 12 -6.51 -5.17 9.38
C ASP A 12 -5.04 -4.83 9.57
N GLY A 13 -4.77 -3.71 10.23
CA GLY A 13 -3.42 -3.39 10.75
C GLY A 13 -2.75 -4.58 11.43
N ALA A 14 -3.51 -5.33 12.25
CA ALA A 14 -2.98 -6.46 13.06
C ALA A 14 -2.41 -7.60 12.21
N VAL A 15 -2.75 -7.72 10.93
CA VAL A 15 -2.22 -8.85 10.11
C VAL A 15 -0.70 -8.73 9.99
N GLY A 16 -0.15 -7.51 10.00
CA GLY A 16 1.28 -7.26 9.67
C GLY A 16 1.57 -7.37 8.18
N LYS A 17 0.72 -6.77 7.34
CA LYS A 17 0.78 -6.78 5.85
C LYS A 17 2.15 -6.33 5.39
N THR A 18 2.67 -5.22 5.93
CA THR A 18 3.94 -4.65 5.45
C THR A 18 5.05 -5.65 5.77
N CYS A 19 5.07 -6.15 7.00
CA CYS A 19 6.08 -7.12 7.46
C CYS A 19 5.99 -8.42 6.64
N LEU A 20 4.78 -8.83 6.27
CA LEU A 20 4.57 -10.05 5.43
C LEU A 20 5.29 -9.85 4.09
N LEU A 21 5.19 -8.67 3.50
CA LEU A 21 5.65 -8.46 2.11
C LEU A 21 7.16 -8.28 2.11
N ILE A 22 7.68 -7.68 3.16
CA ILE A 22 9.14 -7.45 3.28
C ILE A 22 9.77 -8.82 3.53
N SER A 23 9.17 -9.61 4.41
CA SER A 23 9.74 -10.94 4.78
C SER A 23 9.74 -11.83 3.55
N TYR A 24 8.68 -11.77 2.74
CA TYR A 24 8.56 -12.62 1.54
C TYR A 24 9.64 -12.19 0.54
N THR A 25 9.69 -10.91 0.25
CA THR A 25 10.47 -10.40 -0.89
C THR A 25 11.93 -10.43 -0.53
N THR A 26 12.30 -10.30 0.74
CA THR A 26 13.73 -10.28 1.16
C THR A 26 14.17 -11.66 1.66
N ASN A 27 13.25 -12.62 1.77
CA ASN A 27 13.45 -14.01 2.29
C ASN A 27 14.03 -13.95 3.70
N ALA A 28 13.64 -12.95 4.50
CA ALA A 28 14.10 -12.83 5.90
C ALA A 28 13.17 -11.94 6.69
N PHE A 29 12.84 -12.36 7.91
CA PHE A 29 12.13 -11.47 8.86
C PHE A 29 12.97 -10.22 9.08
N PRO A 30 12.41 -9.00 9.05
CA PRO A 30 13.24 -7.80 9.10
C PRO A 30 13.83 -7.50 10.49
N GLY A 31 13.34 -8.19 11.52
CA GLY A 31 13.98 -8.37 12.84
C GLY A 31 14.17 -7.10 13.64
N GLU A 32 15.35 -6.48 13.50
CA GLU A 32 15.80 -5.27 14.25
C GLU A 32 14.67 -4.21 14.21
N TYR A 33 14.25 -3.80 13.00
CA TYR A 33 13.28 -2.70 12.75
C TYR A 33 12.27 -3.17 11.70
N ILE A 34 10.97 -3.10 11.98
CA ILE A 34 9.95 -3.44 10.94
C ILE A 34 9.60 -2.17 10.14
N PRO A 35 10.04 -2.05 8.87
CA PRO A 35 9.74 -0.85 8.07
C PRO A 35 8.23 -0.60 7.96
N THR A 36 7.82 0.67 7.93
CA THR A 36 6.38 1.01 7.72
C THR A 36 6.10 1.06 6.21
N VAL A 37 7.10 1.24 5.37
CA VAL A 37 6.83 1.41 3.92
C VAL A 37 7.30 0.21 3.10
N PHE A 38 6.39 -0.39 2.33
CA PHE A 38 6.67 -1.31 1.22
C PHE A 38 6.11 -0.71 -0.05
N ASP A 39 6.99 -0.22 -0.92
CA ASP A 39 6.56 0.46 -2.18
C ASP A 39 6.22 -0.65 -3.18
N ASN A 40 5.28 -0.33 -4.07
CA ASN A 40 4.85 -1.24 -5.16
C ASN A 40 6.06 -2.00 -5.69
N TYR A 41 5.96 -3.31 -5.76
CA TYR A 41 7.11 -4.21 -6.03
C TYR A 41 6.83 -5.07 -7.26
N SER A 42 7.83 -5.41 -8.06
CA SER A 42 7.69 -6.52 -9.05
C SER A 42 8.96 -7.36 -9.11
N ALA A 43 8.80 -8.66 -9.27
CA ALA A 43 9.90 -9.59 -9.57
C ALA A 43 9.38 -10.67 -10.51
N ASN A 44 10.28 -11.22 -11.31
CA ASN A 44 10.08 -12.48 -12.07
C ASN A 44 10.16 -13.62 -11.05
N VAL A 45 9.15 -14.47 -11.01
CA VAL A 45 9.10 -15.70 -10.16
C VAL A 45 8.51 -16.83 -11.01
N MET A 46 9.16 -17.99 -11.04
CA MET A 46 8.76 -19.16 -11.86
C MET A 46 7.83 -20.03 -11.02
N VAL A 47 6.65 -20.34 -11.56
CA VAL A 47 5.65 -21.27 -10.95
C VAL A 47 5.32 -22.36 -11.97
N ASP A 48 5.56 -23.62 -11.61
CA ASP A 48 5.29 -24.81 -12.46
C ASP A 48 5.99 -24.60 -13.81
N GLY A 49 7.25 -24.14 -13.76
CA GLY A 49 8.15 -24.01 -14.93
C GLY A 49 7.92 -22.72 -15.70
N LYS A 50 6.75 -22.08 -15.52
CA LYS A 50 6.30 -20.89 -16.27
C LYS A 50 6.71 -19.61 -15.53
N PRO A 51 7.65 -18.81 -16.11
CA PRO A 51 8.02 -17.51 -15.54
C PRO A 51 6.83 -16.52 -15.55
N VAL A 52 6.72 -15.72 -14.48
CA VAL A 52 5.61 -14.76 -14.26
C VAL A 52 6.19 -13.50 -13.59
N ASN A 53 5.66 -12.32 -13.93
CA ASN A 53 6.05 -11.04 -13.30
C ASN A 53 5.04 -10.69 -12.21
N LEU A 54 5.44 -10.89 -10.96
CA LEU A 54 4.58 -10.68 -9.79
C LEU A 54 4.74 -9.25 -9.31
N GLY A 55 3.64 -8.50 -9.33
CA GLY A 55 3.45 -7.16 -8.76
C GLY A 55 2.73 -7.29 -7.43
N LEU A 56 3.26 -6.65 -6.40
CA LEU A 56 2.72 -6.67 -5.02
C LEU A 56 2.48 -5.25 -4.56
N TRP A 57 1.23 -4.93 -4.24
CA TRP A 57 0.92 -3.64 -3.60
C TRP A 57 0.52 -3.88 -2.15
N ASP A 58 1.09 -3.08 -1.26
CA ASP A 58 0.65 -2.94 0.15
C ASP A 58 -0.53 -1.98 0.20
N THR A 59 -1.29 -2.03 1.28
CA THR A 59 -2.38 -1.10 1.61
C THR A 59 -2.28 -0.61 3.05
N ALA A 60 -1.18 -0.87 3.76
CA ALA A 60 -0.98 -0.36 5.15
C ALA A 60 -1.12 1.17 5.13
N GLY A 61 -1.80 1.73 6.13
CA GLY A 61 -2.09 3.17 6.26
C GLY A 61 -3.49 3.54 5.80
N GLN A 62 -4.13 2.68 5.01
CA GLN A 62 -5.45 2.95 4.38
C GLN A 62 -6.58 2.36 5.22
N GLU A 63 -6.28 1.71 6.36
CA GLU A 63 -7.27 0.87 7.09
C GLU A 63 -8.48 1.70 7.52
N ASP A 64 -8.33 3.02 7.69
CA ASP A 64 -9.41 3.88 8.19
C ASP A 64 -10.04 4.74 7.08
N TYR A 65 -9.70 4.53 5.80
CA TYR A 65 -10.14 5.44 4.70
C TYR A 65 -10.90 4.59 3.68
N ASP A 66 -12.20 4.38 3.96
CA ASP A 66 -13.13 3.48 3.25
C ASP A 66 -13.19 3.85 1.75
N ARG A 67 -13.18 5.13 1.41
CA ARG A 67 -13.25 5.58 -0.02
C ARG A 67 -11.86 5.64 -0.67
N LEU A 68 -10.76 5.66 0.08
CA LEU A 68 -9.41 5.68 -0.55
C LEU A 68 -8.99 4.27 -0.94
N ARG A 69 -9.28 3.26 -0.10
CA ARG A 69 -8.77 1.88 -0.32
C ARG A 69 -9.16 1.37 -1.70
N PRO A 70 -10.39 1.62 -2.20
CA PRO A 70 -10.80 1.04 -3.47
C PRO A 70 -10.06 1.59 -4.69
N LEU A 71 -9.32 2.70 -4.54
CA LEU A 71 -8.53 3.29 -5.64
C LEU A 71 -7.46 2.29 -6.08
N SER A 72 -7.08 1.39 -5.18
CA SER A 72 -6.03 0.38 -5.44
C SER A 72 -6.62 -0.86 -6.11
N TYR A 73 -7.95 -1.04 -6.14
CA TYR A 73 -8.61 -2.33 -6.48
C TYR A 73 -8.73 -2.58 -7.97
N PRO A 74 -9.11 -1.58 -8.81
CA PRO A 74 -9.26 -1.84 -10.25
C PRO A 74 -8.04 -2.53 -10.87
N GLN A 75 -8.31 -3.56 -11.68
CA GLN A 75 -7.33 -4.29 -12.53
C GLN A 75 -6.47 -5.23 -11.66
N THR A 76 -6.85 -5.43 -10.40
CA THR A 76 -6.22 -6.48 -9.56
C THR A 76 -6.48 -7.85 -10.20
N ASP A 77 -5.45 -8.68 -10.34
CA ASP A 77 -5.55 -10.08 -10.82
C ASP A 77 -5.84 -11.04 -9.65
N VAL A 78 -5.31 -10.77 -8.45
CA VAL A 78 -5.60 -11.64 -7.27
C VAL A 78 -5.45 -10.84 -5.97
N PHE A 79 -6.32 -11.09 -5.01
CA PHE A 79 -6.24 -10.43 -3.68
C PHE A 79 -5.71 -11.44 -2.67
N LEU A 80 -4.83 -11.01 -1.77
CA LEU A 80 -4.59 -11.75 -0.50
C LEU A 80 -5.47 -11.06 0.52
N ILE A 81 -6.56 -11.67 0.99
CA ILE A 81 -7.32 -11.13 2.15
C ILE A 81 -6.77 -11.78 3.41
N CYS A 82 -6.16 -10.96 4.28
CA CYS A 82 -5.34 -11.40 5.42
C CYS A 82 -6.06 -11.12 6.75
N PHE A 83 -5.82 -11.99 7.72
CA PHE A 83 -6.19 -11.79 9.14
C PHE A 83 -5.03 -12.35 9.94
N SER A 84 -4.85 -11.90 11.18
CA SER A 84 -3.86 -12.49 12.12
C SER A 84 -4.55 -13.66 12.82
N LEU A 85 -3.90 -14.83 12.87
CA LEU A 85 -4.42 -16.02 13.58
C LEU A 85 -4.57 -15.78 15.08
N VAL A 86 -4.00 -14.69 15.62
CA VAL A 86 -4.12 -14.39 17.08
C VAL A 86 -4.90 -13.10 17.25
N SER A 87 -5.66 -12.68 16.23
CA SER A 87 -6.61 -11.53 16.34
C SER A 87 -7.97 -12.00 15.84
N PRO A 88 -8.81 -12.54 16.72
CA PRO A 88 -10.18 -12.89 16.32
C PRO A 88 -10.92 -11.68 15.70
N ALA A 89 -10.63 -10.45 16.12
CA ALA A 89 -11.26 -9.23 15.57
C ALA A 89 -10.90 -9.08 14.08
N SER A 90 -9.64 -9.35 13.72
CA SER A 90 -9.13 -9.25 12.34
C SER A 90 -9.77 -10.35 11.49
N PHE A 91 -9.90 -11.56 12.01
CA PHE A 91 -10.58 -12.69 11.30
C PHE A 91 -12.03 -12.30 10.99
N GLU A 92 -12.77 -11.82 11.98
CA GLU A 92 -14.20 -11.45 11.79
C GLU A 92 -14.29 -10.32 10.75
N ASN A 93 -13.29 -9.44 10.72
CA ASN A 93 -13.24 -8.31 9.75
C ASN A 93 -13.09 -8.85 8.33
N VAL A 94 -12.60 -10.08 8.14
CA VAL A 94 -12.58 -10.67 6.77
C VAL A 94 -14.02 -10.59 6.24
N ARG A 95 -14.97 -10.96 7.10
CA ARG A 95 -16.41 -11.14 6.72
C ARG A 95 -17.07 -9.76 6.71
N ALA A 96 -16.75 -8.93 7.67
CA ALA A 96 -17.45 -7.66 7.95
C ALA A 96 -16.94 -6.53 7.05
N LYS A 97 -15.69 -6.58 6.59
CA LYS A 97 -15.04 -5.36 6.01
C LYS A 97 -14.37 -5.69 4.68
N TRP A 98 -13.50 -6.71 4.66
CA TRP A 98 -12.59 -6.95 3.52
C TRP A 98 -13.32 -7.63 2.35
N TYR A 99 -13.88 -8.81 2.57
CA TYR A 99 -14.62 -9.54 1.51
C TYR A 99 -15.65 -8.62 0.85
N PRO A 100 -16.56 -7.93 1.58
CA PRO A 100 -17.58 -7.13 0.94
C PRO A 100 -17.02 -6.09 -0.06
N GLU A 101 -16.03 -5.29 0.35
CA GLU A 101 -15.53 -4.21 -0.54
C GLU A 101 -14.71 -4.82 -1.68
N VAL A 102 -13.95 -5.88 -1.43
CA VAL A 102 -13.19 -6.52 -2.54
C VAL A 102 -14.22 -7.07 -3.56
N ARG A 103 -15.34 -7.61 -3.10
CA ARG A 103 -16.30 -8.29 -4.00
C ARG A 103 -17.13 -7.24 -4.71
N HIS A 104 -17.46 -6.14 -4.03
CA HIS A 104 -18.20 -5.01 -4.64
C HIS A 104 -17.41 -4.50 -5.83
N HIS A 105 -16.13 -4.19 -5.64
CA HIS A 105 -15.26 -3.54 -6.67
C HIS A 105 -14.72 -4.58 -7.66
N CYS A 106 -14.48 -5.81 -7.24
CA CYS A 106 -13.78 -6.82 -8.08
C CYS A 106 -14.53 -8.14 -8.02
N PRO A 107 -15.77 -8.16 -8.52
CA PRO A 107 -16.65 -9.32 -8.34
C PRO A 107 -16.12 -10.64 -8.91
N ASN A 108 -15.18 -10.61 -9.86
CA ASN A 108 -14.73 -11.86 -10.53
C ASN A 108 -13.26 -12.16 -10.22
N THR A 109 -12.69 -11.49 -9.22
CA THR A 109 -11.23 -11.59 -8.97
C THR A 109 -10.99 -12.61 -7.88
N PRO A 110 -10.11 -13.58 -8.11
CA PRO A 110 -9.78 -14.58 -7.08
C PRO A 110 -9.23 -13.99 -5.78
N ILE A 111 -9.53 -14.67 -4.68
CA ILE A 111 -9.12 -14.33 -3.30
C ILE A 111 -8.35 -15.52 -2.70
N ILE A 112 -7.18 -15.27 -2.15
CA ILE A 112 -6.51 -16.21 -1.23
C ILE A 112 -6.79 -15.70 0.19
N LEU A 113 -7.36 -16.54 1.04
CA LEU A 113 -7.51 -16.20 2.49
C LEU A 113 -6.21 -16.61 3.20
N VAL A 114 -5.57 -15.63 3.84
CA VAL A 114 -4.24 -15.82 4.49
C VAL A 114 -4.36 -15.53 5.98
N GLY A 115 -4.10 -16.55 6.80
CA GLY A 115 -3.91 -16.38 8.24
C GLY A 115 -2.43 -16.12 8.51
N THR A 116 -2.07 -14.96 9.07
CA THR A 116 -0.66 -14.60 9.39
C THR A 116 -0.41 -14.84 10.88
N LYS A 117 0.84 -14.67 11.31
CA LYS A 117 1.28 -14.84 12.72
C LYS A 117 1.04 -16.26 13.23
N LEU A 118 1.20 -17.25 12.35
CA LEU A 118 1.12 -18.71 12.67
C LEU A 118 2.04 -18.99 13.86
N ASP A 119 3.24 -18.42 13.87
CA ASP A 119 4.26 -18.61 14.94
C ASP A 119 3.65 -18.27 16.31
N LEU A 120 2.63 -17.42 16.42
CA LEU A 120 2.10 -16.98 17.74
C LEU A 120 0.87 -17.81 18.18
N ARG A 121 0.33 -18.71 17.36
CA ARG A 121 -0.90 -19.46 17.75
C ARG A 121 -0.56 -20.34 18.96
N ASP A 122 0.69 -20.80 19.04
CA ASP A 122 1.21 -21.69 20.12
C ASP A 122 1.98 -20.89 21.19
N ASP A 123 1.93 -19.57 21.18
CA ASP A 123 2.71 -18.72 22.10
C ASP A 123 1.99 -18.56 23.45
N LYS A 124 2.59 -19.00 24.57
CA LYS A 124 1.92 -18.98 25.90
C LYS A 124 1.43 -17.55 26.22
N ASP A 125 2.27 -16.51 26.09
CA ASP A 125 1.90 -15.11 26.45
C ASP A 125 0.73 -14.62 25.59
N THR A 126 0.79 -14.89 24.28
CA THR A 126 -0.28 -14.54 23.32
C THR A 126 -1.58 -15.22 23.72
N ILE A 127 -1.54 -16.54 23.90
CA ILE A 127 -2.72 -17.35 24.33
C ILE A 127 -3.31 -16.77 25.62
N GLU A 128 -2.48 -16.41 26.60
CA GLU A 128 -2.94 -15.90 27.93
C GLU A 128 -3.66 -14.56 27.75
N LYS A 129 -3.08 -13.65 26.96
CA LYS A 129 -3.64 -12.30 26.68
C LYS A 129 -5.01 -12.49 25.98
N LEU A 130 -5.13 -13.38 25.00
CA LEU A 130 -6.47 -13.70 24.44
C LEU A 130 -7.40 -14.28 25.53
N LYS A 131 -6.89 -15.15 26.39
CA LYS A 131 -7.73 -15.85 27.42
C LYS A 131 -8.35 -14.79 28.35
N GLU A 132 -7.59 -13.75 28.72
CA GLU A 132 -8.10 -12.68 29.61
C GLU A 132 -9.24 -11.90 28.96
N LYS A 133 -9.41 -11.97 27.62
CA LYS A 133 -10.51 -11.30 26.90
C LYS A 133 -11.59 -12.32 26.51
N LYS A 134 -11.53 -13.55 27.06
CA LYS A 134 -12.48 -14.65 26.73
C LYS A 134 -12.38 -14.97 25.23
N LEU A 135 -11.15 -14.95 24.68
CA LEU A 135 -10.91 -15.30 23.25
C LEU A 135 -9.88 -16.42 23.17
N THR A 136 -9.76 -17.05 22.01
CA THR A 136 -8.71 -18.04 21.70
C THR A 136 -8.23 -17.70 20.29
N PRO A 137 -7.05 -18.20 19.89
CA PRO A 137 -6.59 -18.06 18.52
C PRO A 137 -7.56 -18.68 17.52
N ILE A 138 -7.42 -18.29 16.26
CA ILE A 138 -8.19 -18.88 15.14
C ILE A 138 -7.51 -20.19 14.74
N THR A 139 -8.28 -21.28 14.63
CA THR A 139 -7.75 -22.61 14.25
C THR A 139 -8.09 -22.90 12.79
N TYR A 140 -7.44 -23.90 12.26
CA TYR A 140 -7.45 -24.29 10.84
C TYR A 140 -8.87 -24.43 10.29
N PRO A 141 -9.81 -25.13 10.98
CA PRO A 141 -11.17 -25.29 10.42
C PRO A 141 -11.93 -23.96 10.38
N GLN A 142 -11.62 -23.03 11.28
CA GLN A 142 -12.20 -21.68 11.24
C GLN A 142 -11.83 -21.00 9.91
N GLY A 143 -10.55 -21.09 9.50
CA GLY A 143 -10.06 -20.56 8.22
C GLY A 143 -10.72 -21.27 7.06
N LEU A 144 -10.81 -22.60 7.10
CA LEU A 144 -11.49 -23.35 6.02
C LEU A 144 -12.93 -22.84 5.90
N ALA A 145 -13.64 -22.67 7.00
CA ALA A 145 -15.07 -22.29 6.98
C ALA A 145 -15.22 -20.87 6.46
N MET A 146 -14.29 -19.96 6.82
CA MET A 146 -14.32 -18.56 6.35
C MET A 146 -14.03 -18.54 4.85
N ALA A 147 -13.02 -19.28 4.40
CA ALA A 147 -12.60 -19.37 2.99
C ALA A 147 -13.81 -19.77 2.15
N LYS A 148 -14.47 -20.86 2.54
CA LYS A 148 -15.70 -21.38 1.86
C LYS A 148 -16.74 -20.26 1.79
N GLU A 149 -17.03 -19.59 2.90
CA GLU A 149 -18.05 -18.53 2.92
C GLU A 149 -17.73 -17.37 1.96
N ILE A 150 -16.47 -16.93 1.81
CA ILE A 150 -16.11 -15.74 0.98
C ILE A 150 -15.78 -16.18 -0.45
N GLY A 151 -15.75 -17.49 -0.72
CA GLY A 151 -15.45 -18.06 -2.04
C GLY A 151 -13.96 -18.07 -2.34
N ALA A 152 -13.11 -18.01 -1.32
CA ALA A 152 -11.64 -18.03 -1.49
C ALA A 152 -11.26 -19.33 -2.18
N VAL A 153 -10.26 -19.29 -3.04
CA VAL A 153 -9.80 -20.48 -3.80
C VAL A 153 -8.85 -21.28 -2.94
N LYS A 154 -8.16 -20.63 -1.97
CA LYS A 154 -7.39 -21.36 -0.94
C LYS A 154 -7.47 -20.59 0.38
N TYR A 155 -7.35 -21.36 1.45
CA TYR A 155 -7.02 -20.88 2.80
C TYR A 155 -5.59 -21.31 3.11
N LEU A 156 -4.74 -20.35 3.49
CA LEU A 156 -3.31 -20.63 3.75
C LEU A 156 -2.89 -19.92 5.05
N GLU A 157 -2.05 -20.57 5.84
CA GLU A 157 -1.56 -20.04 7.13
C GLU A 157 -0.07 -19.80 6.96
N CYS A 158 0.47 -18.71 7.51
CA CYS A 158 1.93 -18.44 7.38
C CYS A 158 2.47 -17.63 8.56
N SER A 159 3.80 -17.65 8.69
CA SER A 159 4.59 -16.77 9.58
C SER A 159 5.66 -16.03 8.75
N ALA A 160 5.65 -14.70 8.82
CA ALA A 160 6.76 -13.86 8.34
C ALA A 160 8.03 -14.10 9.20
N LEU A 161 7.85 -14.51 10.46
CA LEU A 161 8.97 -14.72 11.43
C LEU A 161 9.80 -15.94 11.01
N THR A 162 9.15 -17.08 10.88
CA THR A 162 9.82 -18.40 10.61
C THR A 162 9.90 -18.64 9.10
N GLN A 163 9.14 -17.91 8.30
CA GLN A 163 8.98 -18.11 6.81
C GLN A 163 8.06 -19.33 6.54
N ARG A 164 7.54 -19.98 7.56
CA ARG A 164 6.68 -21.18 7.38
C ARG A 164 5.46 -20.78 6.53
N GLY A 165 5.26 -21.46 5.41
CA GLY A 165 4.09 -21.28 4.54
C GLY A 165 4.11 -20.00 3.73
N LEU A 166 5.18 -19.18 3.84
CA LEU A 166 5.19 -17.81 3.28
C LEU A 166 5.27 -17.86 1.75
N LYS A 167 6.27 -18.56 1.19
CA LYS A 167 6.45 -18.79 -0.27
C LYS A 167 5.19 -19.42 -0.87
N THR A 168 4.54 -20.35 -0.17
CA THR A 168 3.28 -21.00 -0.66
C THR A 168 2.18 -19.97 -0.89
N VAL A 169 1.98 -19.02 0.02
CA VAL A 169 0.97 -17.95 -0.14
C VAL A 169 1.09 -17.39 -1.57
N PHE A 170 2.27 -16.90 -1.92
CA PHE A 170 2.50 -16.13 -3.17
C PHE A 170 2.49 -17.07 -4.37
N ASP A 171 2.97 -18.30 -4.23
CA ASP A 171 2.89 -19.33 -5.29
C ASP A 171 1.40 -19.55 -5.62
N GLU A 172 0.57 -19.66 -4.60
CA GLU A 172 -0.86 -19.99 -4.79
C GLU A 172 -1.61 -18.76 -5.29
N ALA A 173 -1.18 -17.55 -4.92
CA ALA A 173 -1.75 -16.33 -5.54
C ALA A 173 -1.52 -16.40 -7.06
N ILE A 174 -0.29 -16.72 -7.48
CA ILE A 174 0.06 -16.80 -8.95
C ILE A 174 -0.78 -17.90 -9.63
N ARG A 175 -0.83 -19.09 -9.03
CA ARG A 175 -1.64 -20.25 -9.51
C ARG A 175 -3.13 -19.90 -9.66
N ALA A 176 -3.67 -19.06 -8.78
CA ALA A 176 -5.09 -18.62 -8.83
C ALA A 176 -5.38 -17.85 -10.11
N VAL A 177 -4.35 -17.34 -10.78
CA VAL A 177 -4.52 -16.49 -11.99
C VAL A 177 -4.16 -17.31 -13.24
N LEU A 178 -3.02 -18.01 -13.25
CA LEU A 178 -2.51 -18.76 -14.43
C LEU A 178 -3.70 -19.43 -15.16
N ARG B 3 17.80 4.58 19.22
CA ARG B 3 17.80 3.59 18.10
C ARG B 3 16.49 3.74 17.28
N LYS B 4 15.32 3.51 17.89
CA LYS B 4 14.09 3.32 17.07
C LYS B 4 13.74 4.62 16.35
N LYS B 5 13.87 5.77 17.03
CA LYS B 5 13.50 7.08 16.42
C LYS B 5 14.46 7.33 15.25
N GLU B 6 15.71 6.91 15.35
CA GLU B 6 16.67 7.09 14.24
C GLU B 6 16.26 6.20 13.05
N PHE B 7 15.85 4.93 13.27
CA PHE B 7 15.45 4.03 12.15
C PHE B 7 14.26 4.69 11.44
N ILE B 8 13.31 5.19 12.21
CA ILE B 8 12.07 5.80 11.68
C ILE B 8 12.45 7.01 10.83
N MET B 9 13.25 7.92 11.38
CA MET B 9 13.58 9.16 10.65
C MET B 9 14.28 8.76 9.36
N ALA B 10 15.16 7.77 9.38
CA ALA B 10 15.92 7.39 8.18
C ALA B 10 14.93 6.85 7.14
N GLU B 11 13.96 6.09 7.58
CA GLU B 11 12.94 5.52 6.66
C GLU B 11 12.10 6.67 6.09
N LEU B 12 11.67 7.60 6.93
CA LEU B 12 10.92 8.81 6.47
C LEU B 12 11.70 9.50 5.34
N LEU B 13 12.99 9.75 5.51
CA LEU B 13 13.83 10.44 4.52
C LEU B 13 14.07 9.55 3.30
N GLN B 14 14.43 8.28 3.47
CA GLN B 14 14.79 7.39 2.33
C GLN B 14 13.55 7.28 1.43
N THR B 15 12.40 7.08 2.05
CA THR B 15 11.12 6.85 1.31
C THR B 15 10.64 8.16 0.69
N GLU B 16 10.96 9.31 1.28
CA GLU B 16 10.62 10.63 0.69
C GLU B 16 11.45 10.78 -0.59
N LYS B 17 12.73 10.43 -0.55
CA LYS B 17 13.58 10.51 -1.76
C LYS B 17 13.03 9.58 -2.84
N ALA B 18 12.65 8.37 -2.45
CA ALA B 18 12.10 7.38 -3.40
C ALA B 18 10.79 7.92 -3.97
N TYR B 19 10.00 8.62 -3.18
CA TYR B 19 8.72 9.21 -3.64
C TYR B 19 8.99 10.31 -4.69
N VAL B 20 9.91 11.21 -4.37
CA VAL B 20 10.29 12.31 -5.31
C VAL B 20 10.79 11.67 -6.60
N ARG B 21 11.63 10.65 -6.48
CA ARG B 21 12.20 9.96 -7.66
C ARG B 21 11.04 9.37 -8.48
N ASP B 22 10.12 8.68 -7.81
CA ASP B 22 8.95 8.04 -8.47
C ASP B 22 8.09 9.10 -9.19
N LEU B 23 7.79 10.22 -8.55
CA LEU B 23 6.90 11.21 -9.19
C LEU B 23 7.65 11.81 -10.39
N HIS B 24 8.92 12.11 -10.21
CA HIS B 24 9.80 12.61 -11.30
C HIS B 24 9.75 11.68 -12.51
N GLU B 25 10.02 10.39 -12.30
CA GLU B 25 10.02 9.36 -13.36
C GLU B 25 8.66 9.40 -14.07
N CYS B 26 7.59 9.46 -13.30
CA CYS B 26 6.20 9.47 -13.83
C CYS B 26 6.03 10.68 -14.77
N LEU B 27 6.43 11.85 -14.31
CA LEU B 27 6.28 13.12 -15.06
C LEU B 27 7.14 13.09 -16.33
N GLU B 28 8.37 12.58 -16.24
CA GLU B 28 9.34 12.68 -17.36
C GLU B 28 9.16 11.54 -18.34
N THR B 29 8.27 10.59 -18.09
CA THR B 29 8.00 9.48 -19.03
C THR B 29 6.56 9.55 -19.49
N TYR B 30 5.64 9.07 -18.66
CA TYR B 30 4.22 8.93 -19.05
C TYR B 30 3.68 10.31 -19.45
N LEU B 31 3.87 11.35 -18.64
CA LEU B 31 3.31 12.69 -18.97
C LEU B 31 4.08 13.29 -20.15
N TRP B 32 5.40 13.11 -20.20
CA TRP B 32 6.25 13.83 -21.18
C TRP B 32 5.93 13.32 -22.60
N GLU B 33 5.65 12.03 -22.72
CA GLU B 33 5.20 11.39 -23.99
C GLU B 33 3.89 12.04 -24.46
N MET B 34 3.05 12.54 -23.58
CA MET B 34 1.76 13.14 -24.00
C MET B 34 1.98 14.58 -24.47
N THR B 35 2.74 15.36 -23.71
CA THR B 35 2.83 16.85 -23.88
C THR B 35 3.91 17.17 -24.92
N SER B 36 4.73 16.18 -25.24
CA SER B 36 5.99 16.29 -26.00
C SER B 36 5.67 16.74 -27.42
N GLY B 37 4.72 16.03 -28.04
CA GLY B 37 4.55 15.91 -29.50
C GLY B 37 5.69 15.10 -30.12
N VAL B 38 6.22 14.07 -29.44
CA VAL B 38 7.16 13.11 -30.09
C VAL B 38 6.29 12.12 -30.87
N GLU B 39 5.27 11.57 -30.19
CA GLU B 39 4.38 10.49 -30.71
C GLU B 39 2.98 11.07 -30.88
N GLU B 40 2.07 10.29 -31.49
CA GLU B 40 0.61 10.59 -31.61
C GLU B 40 -0.12 9.90 -30.46
N ILE B 41 -1.19 10.54 -30.03
CA ILE B 41 -1.98 10.24 -28.80
C ILE B 41 -3.37 9.77 -29.23
N PRO B 42 -3.85 8.57 -28.86
CA PRO B 42 -5.25 8.21 -29.05
C PRO B 42 -6.20 9.40 -28.85
N PRO B 43 -7.19 9.60 -29.75
CA PRO B 43 -8.12 10.71 -29.57
C PRO B 43 -8.86 10.64 -28.22
N GLY B 44 -9.03 9.42 -27.68
CA GLY B 44 -9.74 9.16 -26.42
C GLY B 44 -9.12 9.90 -25.24
N ILE B 45 -7.82 10.23 -25.31
CA ILE B 45 -7.08 10.92 -24.20
C ILE B 45 -6.42 12.23 -24.66
N LEU B 46 -6.65 12.69 -25.89
CA LEU B 46 -5.95 13.92 -26.37
C LEU B 46 -6.42 15.10 -25.51
N ASN B 47 -5.47 15.95 -25.06
CA ASN B 47 -5.68 17.14 -24.20
C ASN B 47 -6.34 16.77 -22.87
N LYS B 48 -6.19 15.51 -22.42
CA LYS B 48 -6.83 15.00 -21.17
C LYS B 48 -5.75 14.63 -20.12
N GLU B 49 -4.49 15.07 -20.33
CA GLU B 49 -3.36 14.79 -19.40
C GLU B 49 -3.72 15.37 -18.02
N HIS B 50 -4.48 16.46 -17.95
CA HIS B 50 -4.94 17.04 -16.66
C HIS B 50 -5.90 16.09 -15.92
N ILE B 51 -6.66 15.25 -16.61
CA ILE B 51 -7.55 14.25 -15.94
C ILE B 51 -6.72 13.05 -15.51
N ILE B 52 -5.86 12.55 -16.40
CA ILE B 52 -4.99 11.37 -16.12
C ILE B 52 -4.08 11.63 -14.92
N PHE B 53 -3.38 12.77 -14.87
CA PHE B 53 -2.25 13.04 -13.93
C PHE B 53 -2.73 13.93 -12.79
N GLY B 54 -3.97 14.44 -12.86
CA GLY B 54 -4.51 15.41 -11.90
C GLY B 54 -3.48 16.48 -11.59
N ASN B 55 -3.29 16.79 -10.31
CA ASN B 55 -2.37 17.84 -9.84
C ASN B 55 -1.05 17.20 -9.37
N ILE B 56 -0.67 16.07 -9.94
CA ILE B 56 0.55 15.32 -9.50
C ILE B 56 1.80 16.18 -9.74
N GLN B 57 1.81 17.06 -10.75
CA GLN B 57 2.92 17.99 -11.01
C GLN B 57 3.13 18.87 -9.77
N GLU B 58 2.05 19.38 -9.20
CA GLU B 58 2.06 20.37 -8.10
C GLU B 58 2.47 19.65 -6.81
N ILE B 59 2.04 18.40 -6.64
CA ILE B 59 2.46 17.56 -5.48
C ILE B 59 3.95 17.31 -5.62
N TYR B 60 4.42 16.92 -6.81
CA TYR B 60 5.87 16.75 -7.06
C TYR B 60 6.63 18.05 -6.75
N ASP B 61 6.13 19.20 -7.20
CA ASP B 61 6.87 20.47 -6.99
C ASP B 61 7.00 20.71 -5.48
N PHE B 62 5.97 20.40 -4.71
CA PHE B 62 5.95 20.60 -3.25
C PHE B 62 7.07 19.75 -2.62
N HIS B 63 7.09 18.46 -2.91
CA HIS B 63 8.02 17.51 -2.27
C HIS B 63 9.45 17.80 -2.74
N ASN B 64 9.63 18.08 -4.05
CA ASN B 64 10.94 18.26 -4.69
C ASN B 64 11.53 19.64 -4.30
N ASN B 65 10.70 20.68 -4.25
CA ASN B 65 11.21 22.06 -4.01
C ASN B 65 11.32 22.31 -2.52
N ILE B 66 10.37 21.82 -1.71
CA ILE B 66 10.20 22.20 -0.28
C ILE B 66 10.34 21.02 0.69
N PHE B 67 9.49 20.01 0.57
CA PHE B 67 9.21 19.16 1.74
C PHE B 67 10.38 18.21 1.98
N LEU B 68 11.01 17.67 0.94
CA LEU B 68 12.20 16.82 1.16
C LEU B 68 13.30 17.65 1.82
N LYS B 69 13.59 18.83 1.29
CA LYS B 69 14.64 19.71 1.85
C LYS B 69 14.36 20.03 3.33
N GLU B 70 13.13 20.33 3.70
CA GLU B 70 12.78 20.66 5.12
C GLU B 70 12.81 19.41 6.01
N LEU B 71 12.33 18.26 5.52
CA LEU B 71 12.43 17.02 6.32
C LEU B 71 13.92 16.75 6.63
N GLU B 72 14.80 16.92 5.66
CA GLU B 72 16.25 16.66 5.83
C GLU B 72 16.84 17.51 6.95
N LYS B 73 16.36 18.73 7.14
CA LYS B 73 16.84 19.64 8.21
C LYS B 73 16.37 19.09 9.56
N TYR B 74 15.37 18.20 9.61
CA TYR B 74 14.90 17.58 10.87
C TYR B 74 15.58 16.23 11.12
N GLU B 75 16.59 15.84 10.34
CA GLU B 75 17.16 14.46 10.37
C GLU B 75 17.69 14.14 11.77
N GLN B 76 18.35 15.11 12.42
CA GLN B 76 18.87 14.95 13.80
C GLN B 76 17.85 15.44 14.84
N LEU B 77 16.62 15.77 14.43
CA LEU B 77 15.56 16.27 15.34
C LEU B 77 14.26 15.51 15.11
N PRO B 78 14.29 14.17 15.12
CA PRO B 78 13.06 13.39 14.83
C PRO B 78 11.89 13.68 15.78
N GLU B 79 12.16 13.96 17.03
CA GLU B 79 11.14 14.31 18.05
C GLU B 79 10.39 15.60 17.67
N ASP B 80 10.99 16.44 16.82
CA ASP B 80 10.43 17.75 16.41
C ASP B 80 9.74 17.69 15.03
N VAL B 81 9.95 16.63 14.26
CA VAL B 81 9.53 16.57 12.82
C VAL B 81 8.02 16.80 12.67
N GLY B 82 7.23 16.56 13.70
CA GLY B 82 5.79 16.82 13.61
C GLY B 82 5.49 18.25 13.19
N HIS B 83 6.37 19.19 13.55
CA HIS B 83 6.26 20.64 13.25
C HIS B 83 6.37 20.86 11.74
N CYS B 84 7.21 20.08 11.04
CA CYS B 84 7.34 20.12 9.56
C CYS B 84 5.96 19.93 8.94
N PHE B 85 5.15 19.03 9.47
CA PHE B 85 3.81 18.74 8.91
C PHE B 85 2.83 19.86 9.28
N VAL B 86 3.00 20.47 10.44
CA VAL B 86 2.18 21.65 10.81
C VAL B 86 2.59 22.83 9.93
N THR B 87 3.87 23.18 9.83
CA THR B 87 4.41 24.27 8.97
C THR B 87 3.78 24.17 7.56
N TRP B 88 3.72 22.97 6.99
CA TRP B 88 3.38 22.79 5.55
C TRP B 88 2.01 22.16 5.36
N ALA B 89 1.13 22.24 6.36
CA ALA B 89 -0.17 21.54 6.36
C ALA B 89 -1.00 21.93 5.12
N ASP B 90 -1.00 23.20 4.72
CA ASP B 90 -1.92 23.69 3.65
C ASP B 90 -1.51 23.05 2.32
N LYS B 91 -0.23 22.78 2.12
CA LYS B 91 0.30 22.11 0.88
C LYS B 91 -0.39 20.74 0.75
N PHE B 92 -0.65 20.05 1.86
CA PHE B 92 -1.19 18.68 1.86
C PHE B 92 -2.64 18.69 1.35
N GLN B 93 -3.30 19.84 1.37
CA GLN B 93 -4.66 19.95 0.79
C GLN B 93 -4.64 19.51 -0.67
N MET B 94 -3.50 19.52 -1.35
CA MET B 94 -3.53 19.21 -2.81
C MET B 94 -3.60 17.69 -3.02
N TYR B 95 -3.52 16.90 -1.95
CA TYR B 95 -3.83 15.44 -2.00
C TYR B 95 -5.35 15.24 -1.98
N VAL B 96 -6.11 16.19 -1.41
CA VAL B 96 -7.60 16.13 -1.49
C VAL B 96 -7.98 16.20 -2.97
N THR B 97 -7.47 17.20 -3.68
CA THR B 97 -7.70 17.40 -5.15
C THR B 97 -7.36 16.11 -5.90
N TYR B 98 -6.21 15.54 -5.60
CA TYR B 98 -5.62 14.42 -6.36
C TYR B 98 -6.52 13.18 -6.25
N CYS B 99 -6.93 12.88 -5.01
CA CYS B 99 -7.73 11.68 -4.66
C CYS B 99 -9.10 11.78 -5.35
N LYS B 100 -9.76 12.95 -5.26
CA LYS B 100 -11.07 13.26 -5.90
C LYS B 100 -11.02 12.87 -7.38
N ASN B 101 -9.92 13.21 -8.04
CA ASN B 101 -9.76 13.02 -9.50
C ASN B 101 -9.38 11.59 -9.86
N LYS B 102 -9.01 10.76 -8.88
CA LYS B 102 -8.28 9.49 -9.17
C LYS B 102 -9.17 8.49 -9.91
N PRO B 103 -10.48 8.33 -9.59
CA PRO B 103 -11.35 7.41 -10.32
C PRO B 103 -11.53 7.79 -11.81
N ASP B 104 -11.76 9.09 -12.04
CA ASP B 104 -11.84 9.70 -13.39
C ASP B 104 -10.55 9.37 -14.15
N SER B 105 -9.38 9.53 -13.52
CA SER B 105 -8.07 9.17 -14.12
C SER B 105 -8.08 7.70 -14.55
N ASN B 106 -8.48 6.82 -13.63
CA ASN B 106 -8.39 5.35 -13.87
C ASN B 106 -9.33 4.97 -15.02
N GLN B 107 -10.56 5.49 -15.02
CA GLN B 107 -11.59 5.09 -16.01
C GLN B 107 -11.12 5.52 -17.40
N LEU B 108 -10.75 6.79 -17.55
CA LEU B 108 -10.19 7.32 -18.82
C LEU B 108 -9.02 6.47 -19.28
N ILE B 109 -8.09 6.10 -18.40
CA ILE B 109 -6.95 5.23 -18.83
C ILE B 109 -7.55 3.92 -19.37
N LEU B 110 -8.37 3.26 -18.56
CA LEU B 110 -9.06 1.99 -18.90
C LEU B 110 -9.78 2.04 -20.25
N GLU B 111 -10.65 3.03 -20.45
CA GLU B 111 -11.67 3.02 -21.54
C GLU B 111 -11.11 3.60 -22.84
N HIS B 112 -9.98 4.31 -22.81
CA HIS B 112 -9.60 5.24 -23.91
C HIS B 112 -8.11 5.24 -24.22
N ALA B 113 -7.28 4.78 -23.31
CA ALA B 113 -5.82 4.92 -23.46
C ALA B 113 -5.31 3.72 -24.26
N GLY B 114 -6.10 2.65 -24.34
CA GLY B 114 -5.61 1.37 -24.90
C GLY B 114 -4.25 1.05 -24.33
N THR B 115 -3.27 0.66 -25.14
CA THR B 115 -1.91 0.23 -24.70
C THR B 115 -0.89 1.38 -24.82
N PHE B 116 -1.37 2.63 -24.91
CA PHE B 116 -0.54 3.83 -25.17
C PHE B 116 0.51 3.94 -24.07
N PHE B 117 0.09 3.79 -22.81
CA PHE B 117 0.99 3.83 -21.62
C PHE B 117 1.77 2.53 -21.46
N ASP B 118 1.17 1.38 -21.76
CA ASP B 118 1.90 0.08 -21.70
C ASP B 118 3.11 0.13 -22.67
N GLU B 119 2.94 0.72 -23.86
CA GLU B 119 4.02 0.82 -24.89
C GLU B 119 5.12 1.71 -24.34
N ILE B 120 4.77 2.88 -23.77
CA ILE B 120 5.79 3.81 -23.18
C ILE B 120 6.58 3.05 -22.12
N GLN B 121 5.90 2.30 -21.26
CA GLN B 121 6.51 1.51 -20.16
C GLN B 121 7.55 0.52 -20.72
N GLN B 122 7.16 -0.25 -21.74
CA GLN B 122 8.03 -1.26 -22.42
C GLN B 122 9.24 -0.52 -23.02
N ARG B 123 8.99 0.55 -23.78
CA ARG B 123 10.03 1.41 -24.42
C ARG B 123 11.06 1.88 -23.38
N HIS B 124 10.64 2.34 -22.20
CA HIS B 124 11.58 2.86 -21.15
C HIS B 124 12.05 1.74 -20.22
N GLY B 125 11.50 0.54 -20.27
CA GLY B 125 11.94 -0.56 -19.39
C GLY B 125 11.60 -0.31 -17.92
N LEU B 126 10.47 0.34 -17.66
CA LEU B 126 10.01 0.62 -16.27
C LEU B 126 9.32 -0.62 -15.70
N ALA B 127 9.67 -0.98 -14.47
CA ALA B 127 8.98 -2.00 -13.64
C ALA B 127 7.57 -1.50 -13.30
N ASN B 128 7.37 -0.19 -13.16
CA ASN B 128 6.05 0.34 -12.71
C ASN B 128 5.23 0.83 -13.90
N SER B 129 4.00 0.32 -14.00
CA SER B 129 2.93 0.79 -14.90
C SER B 129 2.57 2.24 -14.57
N ILE B 130 1.92 2.91 -15.49
CA ILE B 130 1.35 4.24 -15.18
C ILE B 130 0.42 4.14 -13.96
N SER B 131 -0.40 3.08 -13.86
CA SER B 131 -1.30 2.84 -12.69
C SER B 131 -0.52 2.79 -11.36
N SER B 132 0.58 2.07 -11.32
CA SER B 132 1.46 1.90 -10.15
C SER B 132 1.99 3.27 -9.71
N TYR B 133 2.36 4.11 -10.66
CA TYR B 133 2.86 5.46 -10.33
C TYR B 133 1.73 6.32 -9.78
N LEU B 134 0.56 6.29 -10.41
CA LEU B 134 -0.53 7.23 -10.06
C LEU B 134 -1.22 6.84 -8.75
N ILE B 135 -1.01 5.64 -8.22
CA ILE B 135 -1.51 5.33 -6.84
C ILE B 135 -0.55 5.92 -5.79
N LYS B 136 0.68 6.28 -6.13
CA LYS B 136 1.73 6.56 -5.10
C LYS B 136 1.34 7.75 -4.22
N PRO B 137 0.78 8.86 -4.75
CA PRO B 137 0.34 9.95 -3.90
C PRO B 137 -0.70 9.48 -2.87
N VAL B 138 -1.56 8.50 -3.23
CA VAL B 138 -2.61 7.98 -2.34
C VAL B 138 -1.94 7.15 -1.24
N GLN B 139 -0.94 6.37 -1.60
CA GLN B 139 -0.16 5.60 -0.60
C GLN B 139 0.60 6.56 0.31
N ARG B 140 1.31 7.53 -0.28
CA ARG B 140 2.23 8.37 0.50
C ARG B 140 1.42 9.10 1.56
N VAL B 141 0.27 9.66 1.16
CA VAL B 141 -0.48 10.59 2.04
C VAL B 141 -1.03 9.83 3.25
N THR B 142 -1.13 8.50 3.18
CA THR B 142 -1.70 7.64 4.24
C THR B 142 -0.58 6.93 5.00
N LYS B 143 0.68 7.17 4.62
CA LYS B 143 1.89 6.58 5.24
C LYS B 143 2.50 7.52 6.27
N TYR B 144 2.41 8.84 6.07
CA TYR B 144 3.02 9.81 7.01
C TYR B 144 2.48 9.51 8.42
N GLN B 145 1.16 9.34 8.55
CA GLN B 145 0.52 9.13 9.87
C GLN B 145 1.13 7.88 10.54
N LEU B 146 1.46 6.82 9.79
CA LEU B 146 2.07 5.58 10.34
C LEU B 146 3.46 5.89 10.91
N LEU B 147 4.24 6.70 10.21
CA LEU B 147 5.62 7.05 10.64
C LEU B 147 5.54 7.94 11.86
N LEU B 148 4.58 8.86 11.92
CA LEU B 148 4.42 9.75 13.09
C LEU B 148 3.98 8.93 14.31
N LYS B 149 3.08 7.96 14.11
CA LYS B 149 2.58 7.04 15.18
C LYS B 149 3.76 6.24 15.73
N GLU B 150 4.64 5.74 14.86
CA GLU B 150 5.85 5.01 15.28
C GLU B 150 6.74 5.94 16.10
N LEU B 151 6.92 7.20 15.67
CA LEU B 151 7.78 8.16 16.45
C LEU B 151 7.18 8.37 17.83
N LEU B 152 5.85 8.40 17.96
CA LEU B 152 5.20 8.58 19.28
C LEU B 152 5.47 7.38 20.18
N THR B 153 5.60 6.17 19.65
CA THR B 153 5.93 4.99 20.49
C THR B 153 7.31 5.15 21.13
N CYS B 154 8.23 5.98 20.63
CA CYS B 154 9.64 5.96 21.14
C CYS B 154 10.26 7.35 21.33
N CYS B 155 9.47 8.43 21.38
CA CYS B 155 9.98 9.79 21.74
C CYS B 155 9.42 10.14 23.12
N GLU B 156 10.10 11.00 23.89
CA GLU B 156 9.68 11.46 25.25
C GLU B 156 8.33 12.16 25.16
N GLU B 157 7.80 12.62 26.30
CA GLU B 157 6.60 13.50 26.36
C GLU B 157 6.97 14.93 25.93
N GLY B 158 8.26 15.19 25.60
CA GLY B 158 8.69 16.34 24.78
C GLY B 158 8.36 16.12 23.32
N LYS B 159 7.15 15.60 23.05
CA LYS B 159 6.68 15.01 21.77
C LYS B 159 5.21 15.36 21.55
N GLY B 160 4.86 16.66 21.65
CA GLY B 160 3.65 17.28 21.07
C GLY B 160 4.00 17.96 19.75
N GLU B 161 5.31 18.20 19.54
CA GLU B 161 5.96 18.37 18.22
C GLU B 161 5.94 17.03 17.48
N LEU B 162 5.03 16.13 17.85
CA LEU B 162 4.61 14.98 17.04
C LEU B 162 3.10 14.92 16.96
N LYS B 163 2.37 15.06 18.07
CA LYS B 163 0.92 14.74 18.11
C LYS B 163 0.17 15.70 17.17
N ASP B 164 0.59 16.96 17.10
CA ASP B 164 -0.03 18.00 16.25
C ASP B 164 0.20 17.65 14.79
N GLY B 165 1.43 17.27 14.45
CA GLY B 165 1.83 16.78 13.12
C GLY B 165 0.97 15.61 12.67
N LEU B 166 0.81 14.60 13.54
CA LEU B 166 0.00 13.38 13.28
C LEU B 166 -1.46 13.80 13.06
N GLU B 167 -1.97 14.73 13.89
CA GLU B 167 -3.33 15.32 13.77
C GLU B 167 -3.53 15.91 12.36
N VAL B 168 -2.59 16.70 11.88
CA VAL B 168 -2.61 17.21 10.48
C VAL B 168 -2.66 16.01 9.53
N MET B 169 -1.77 15.02 9.71
CA MET B 169 -1.62 13.92 8.74
C MET B 169 -2.67 12.82 8.96
N LEU B 170 -3.54 12.95 9.94
CA LEU B 170 -4.80 12.15 9.97
C LEU B 170 -5.95 12.94 9.32
N SER B 171 -5.92 14.28 9.47
CA SER B 171 -6.96 15.21 8.98
C SER B 171 -6.99 15.21 7.45
N VAL B 172 -5.80 15.26 6.83
CA VAL B 172 -5.62 15.33 5.35
C VAL B 172 -6.20 14.09 4.67
N PRO B 173 -5.76 12.84 4.97
CA PRO B 173 -6.35 11.67 4.32
C PRO B 173 -7.87 11.53 4.60
N LYS B 174 -8.33 11.91 5.80
CA LYS B 174 -9.76 11.81 6.16
C LYS B 174 -10.55 12.76 5.25
N LYS B 175 -10.05 13.97 5.05
CA LYS B 175 -10.70 15.01 4.20
C LYS B 175 -10.66 14.57 2.74
N ALA B 176 -9.58 13.89 2.30
CA ALA B 176 -9.48 13.31 0.94
C ALA B 176 -10.50 12.19 0.83
N ASN B 177 -10.57 11.34 1.86
CA ASN B 177 -11.51 10.22 1.90
C ASN B 177 -12.92 10.81 1.79
N ASP B 178 -13.21 11.85 2.57
CA ASP B 178 -14.59 12.41 2.70
C ASP B 178 -14.99 13.12 1.40
N ALA B 179 -14.04 13.55 0.56
CA ALA B 179 -14.32 14.25 -0.71
C ALA B 179 -14.56 13.26 -1.86
N MET B 180 -14.48 11.93 -1.64
CA MET B 180 -14.72 10.91 -2.71
C MET B 180 -16.23 10.71 -2.92
N HIS B 181 -16.64 10.33 -4.15
CA HIS B 181 -18.03 10.39 -4.70
C HIS B 181 -18.69 9.01 -4.66
C1 EDO C . -1.07 -27.01 15.87
O1 EDO C . -2.04 -26.38 16.70
C2 EDO C . -0.62 -28.35 16.35
O2 EDO C . -0.30 -28.40 17.72
C01 JGA D . 5.81 -11.13 16.96
C02 JGA D . 6.65 -12.02 16.07
N03 JGA D . 5.81 -12.85 15.18
C04 JGA D . 5.32 -12.25 13.97
O05 JGA D . 5.30 -10.96 13.80
N06 JGA D . 4.86 -13.22 12.95
C07 JGA D . 4.32 -12.80 11.79
C08 JGA D . 4.11 -11.42 11.30
C09 JGA D . 3.44 -11.60 10.13
O10 JGA D . 3.24 -12.96 9.89
N11 JGA D . 3.78 -13.68 10.90
C12 JGA D . 2.94 -10.65 9.12
#